data_6QAZ
#
_entry.id   6QAZ
#
_cell.length_a   48.809
_cell.length_b   69.986
_cell.length_c   71.236
_cell.angle_alpha   90.00
_cell.angle_beta   90.00
_cell.angle_gamma   90.00
#
_symmetry.space_group_name_H-M   'I 2 2 2'
#
loop_
_entity.id
_entity.type
_entity.pdbx_description
1 polymer 'cyanophage-like gp41-1 intein'
2 non-polymer 'CITRATE ANION'
3 non-polymer 'PENTAETHYLENE GLYCOL'
4 non-polymer DI(HYDROXYETHYL)ETHER
5 water water
#
_entity_poly.entity_id   1
_entity_poly.type   'polypeptide(L)'
_entity_poly.pdbx_seq_one_letter_code
;SGGALDLKTQVQTPQGMKEISNIQVGDLVLSNTGYNEVLNVFPKSKKKSYKITLEDGKEIICSEEHLFPTQTGEMNISGG
LKEGMCLYVKEMMLKKILKIEELDERELIDIEVSGNHLFYANDILTHN
;
_entity_poly.pdbx_strand_id   A
#
loop_
_chem_comp.id
_chem_comp.type
_chem_comp.name
_chem_comp.formula
1PE non-polymer 'PENTAETHYLENE GLYCOL' 'C10 H22 O6'
FLC non-polymer 'CITRATE ANION' 'C6 H5 O7 -3'
PEG non-polymer DI(HYDROXYETHYL)ETHER 'C4 H10 O3'
#
# COMPACT_ATOMS: atom_id res chain seq x y z
N SER A 1 9.24 6.37 3.43
CA SER A 1 8.08 6.90 4.16
C SER A 1 7.88 6.10 5.42
N GLY A 2 7.30 6.59 6.52
N GLY A 2 7.23 6.81 6.32
CA GLY A 2 7.39 5.90 7.82
CA GLY A 2 6.67 6.26 7.53
C GLY A 2 6.34 4.84 8.13
C GLY A 2 5.47 5.37 7.26
N GLY A 3 5.25 4.77 7.38
N GLY A 3 5.13 4.61 8.28
CA GLY A 3 4.16 3.81 7.58
CA GLY A 3 4.10 3.58 8.22
C GLY A 3 4.53 2.43 7.05
C GLY A 3 4.54 2.37 7.44
N ALA A 4 3.61 1.47 7.15
CA ALA A 4 3.96 0.11 6.78
C ALA A 4 2.71 -0.68 6.40
N LEU A 5 2.95 -1.83 5.80
CA LEU A 5 1.93 -2.70 5.20
C LEU A 5 2.02 -4.10 5.81
N ASP A 6 0.88 -4.82 5.78
CA ASP A 6 0.88 -6.21 6.24
C ASP A 6 1.88 -7.04 5.46
N LEU A 7 2.49 -8.00 6.14
CA LEU A 7 3.49 -8.88 5.51
C LEU A 7 2.96 -9.64 4.31
N LYS A 8 1.69 -9.98 4.28
CA LYS A 8 1.12 -10.83 3.23
C LYS A 8 0.57 -10.01 2.08
N THR A 9 0.69 -8.69 2.12
CA THR A 9 0.29 -7.84 1.00
C THR A 9 1.02 -8.29 -0.26
N GLN A 10 0.32 -8.45 -1.37
CA GLN A 10 0.95 -8.88 -2.62
C GLN A 10 1.27 -7.68 -3.50
N VAL A 11 2.46 -7.73 -4.09
CA VAL A 11 2.91 -6.74 -5.08
C VAL A 11 3.31 -7.51 -6.33
N GLN A 12 3.28 -6.85 -7.46
CA GLN A 12 3.52 -7.47 -8.76
CA GLN A 12 3.53 -7.49 -8.76
C GLN A 12 4.97 -7.18 -9.20
N THR A 13 5.76 -8.22 -9.37
CA THR A 13 7.11 -8.09 -9.93
C THR A 13 7.06 -8.62 -11.34
N PRO A 14 8.14 -8.43 -12.12
CA PRO A 14 8.19 -9.07 -13.44
C PRO A 14 8.19 -10.60 -13.35
N GLN A 15 8.59 -11.16 -12.21
CA GLN A 15 8.63 -12.63 -12.00
C GLN A 15 7.32 -13.13 -11.36
N GLY A 16 6.29 -12.30 -11.20
CA GLY A 16 5.00 -12.69 -10.63
C GLY A 16 4.71 -11.97 -9.35
N MET A 17 3.61 -12.33 -8.75
CA MET A 17 3.21 -11.70 -7.49
C MET A 17 4.12 -12.19 -6.38
N LYS A 18 4.47 -11.31 -5.50
CA LYS A 18 5.26 -11.63 -4.30
C LYS A 18 4.59 -11.02 -3.08
N GLU A 19 4.68 -11.70 -1.96
CA GLU A 19 4.31 -11.07 -0.69
C GLU A 19 5.38 -10.06 -0.34
N ILE A 20 4.97 -8.91 0.20
CA ILE A 20 5.91 -7.81 0.42
C ILE A 20 6.98 -8.22 1.44
N SER A 21 6.68 -9.13 2.37
CA SER A 21 7.68 -9.63 3.30
C SER A 21 8.84 -10.32 2.60
N ASN A 22 8.68 -10.72 1.34
CA ASN A 22 9.73 -11.41 0.59
C ASN A 22 10.46 -10.45 -0.36
N ILE A 23 10.05 -9.20 -0.46
CA ILE A 23 10.68 -8.23 -1.37
C ILE A 23 12.08 -7.89 -0.85
N GLN A 24 12.98 -7.70 -1.78
CA GLN A 24 14.38 -7.32 -1.47
C GLN A 24 14.76 -6.10 -2.30
N VAL A 25 15.76 -5.40 -1.83
CA VAL A 25 16.33 -4.30 -2.62
C VAL A 25 16.73 -4.84 -3.97
N GLY A 26 16.40 -4.06 -5.00
CA GLY A 26 16.65 -4.43 -6.40
C GLY A 26 15.47 -5.08 -7.08
N ASP A 27 14.48 -5.57 -6.34
CA ASP A 27 13.23 -6.02 -6.97
C ASP A 27 12.58 -4.85 -7.71
N LEU A 28 11.72 -5.19 -8.64
CA LEU A 28 10.90 -4.22 -9.40
C LEU A 28 9.43 -4.49 -9.08
N VAL A 29 8.68 -3.43 -8.76
CA VAL A 29 7.26 -3.57 -8.39
C VAL A 29 6.42 -2.69 -9.28
N LEU A 30 5.28 -3.21 -9.73
CA LEU A 30 4.45 -2.52 -10.71
C LEU A 30 3.69 -1.38 -10.06
N SER A 31 3.72 -0.23 -10.72
CA SER A 31 2.94 0.96 -10.40
C SER A 31 2.03 1.31 -11.56
N ASN A 32 1.38 2.45 -11.46
CA ASN A 32 0.58 2.99 -12.57
C ASN A 32 1.44 3.47 -13.73
N THR A 33 2.71 3.75 -13.45
N THR A 33 2.76 3.63 -13.52
CA THR A 33 3.75 4.23 -14.38
CA THR A 33 3.71 4.27 -14.46
C THR A 33 4.84 3.18 -14.55
C THR A 33 4.63 3.21 -15.06
N GLY A 34 4.56 1.94 -14.71
CA GLY A 34 5.62 0.95 -14.95
C GLY A 34 6.20 0.43 -13.66
N TYR A 35 7.33 -0.22 -13.75
CA TYR A 35 7.95 -0.86 -12.59
C TYR A 35 8.92 0.09 -11.91
N ASN A 36 8.76 0.23 -10.60
CA ASN A 36 9.68 1.00 -9.79
C ASN A 36 10.65 0.09 -9.05
N GLU A 37 11.92 0.48 -8.96
CA GLU A 37 12.93 -0.33 -8.25
C GLU A 37 12.75 -0.16 -6.75
N VAL A 38 12.88 -1.26 -6.04
CA VAL A 38 12.91 -1.23 -4.57
C VAL A 38 14.31 -0.77 -4.13
N LEU A 39 14.38 0.41 -3.55
CA LEU A 39 15.62 1.06 -3.13
C LEU A 39 15.96 0.74 -1.69
N ASN A 40 14.95 0.50 -0.85
CA ASN A 40 15.17 0.21 0.58
C ASN A 40 14.10 -0.74 1.04
N VAL A 41 14.50 -1.62 1.94
CA VAL A 41 13.57 -2.40 2.76
C VAL A 41 13.90 -2.01 4.20
N PHE A 42 13.04 -1.19 4.78
CA PHE A 42 13.29 -0.67 6.13
C PHE A 42 13.01 -1.79 7.12
N PRO A 43 13.44 -1.65 8.39
CA PRO A 43 13.19 -2.73 9.34
C PRO A 43 11.71 -2.98 9.55
N LYS A 44 11.39 -4.25 9.72
CA LYS A 44 10.05 -4.65 10.15
C LYS A 44 9.77 -3.95 11.49
N SER A 45 8.53 -3.63 11.74
CA SER A 45 8.08 -2.85 12.90
C SER A 45 6.73 -3.34 13.34
N LYS A 46 6.44 -3.27 14.62
CA LYS A 46 5.13 -3.63 15.15
C LYS A 46 4.37 -2.35 15.36
N LYS A 47 3.20 -2.26 14.74
CA LYS A 47 2.36 -1.07 14.78
C LYS A 47 0.90 -1.52 14.82
N LYS A 48 0.04 -0.63 15.31
CA LYS A 48 -1.40 -0.83 15.12
C LYS A 48 -1.72 -0.89 13.65
N SER A 49 -2.58 -1.82 13.27
CA SER A 49 -2.96 -2.03 11.86
C SER A 49 -4.43 -1.75 11.66
N TYR A 50 -4.76 -1.46 10.41
CA TYR A 50 -6.09 -1.07 9.95
C TYR A 50 -6.34 -1.77 8.63
N LYS A 51 -7.58 -2.22 8.43
CA LYS A 51 -7.99 -2.81 7.16
C LYS A 51 -8.87 -1.82 6.40
N ILE A 52 -8.50 -1.55 5.18
CA ILE A 52 -9.32 -0.76 4.24
C ILE A 52 -9.97 -1.73 3.26
N THR A 53 -11.28 -1.66 3.12
CA THR A 53 -12.04 -2.50 2.18
C THR A 53 -12.72 -1.61 1.16
N LEU A 54 -12.54 -1.89 -0.12
CA LEU A 54 -13.14 -1.12 -1.20
C LEU A 54 -14.43 -1.77 -1.68
N GLU A 55 -15.17 -1.03 -2.49
CA GLU A 55 -16.51 -1.46 -2.95
C GLU A 55 -16.41 -2.67 -3.89
N ASP A 56 -15.26 -2.96 -4.48
CA ASP A 56 -15.04 -4.16 -5.31
C ASP A 56 -14.49 -5.32 -4.49
N GLY A 57 -14.45 -5.18 -3.17
CA GLY A 57 -13.97 -6.26 -2.31
C GLY A 57 -12.50 -6.16 -1.95
N LYS A 58 -11.70 -5.42 -2.72
CA LYS A 58 -10.26 -5.42 -2.48
C LYS A 58 -9.98 -4.86 -1.09
N GLU A 59 -8.97 -5.45 -0.45
CA GLU A 59 -8.58 -5.07 0.92
C GLU A 59 -7.09 -4.84 1.00
N ILE A 60 -6.70 -4.01 1.93
CA ILE A 60 -5.29 -3.82 2.28
C ILE A 60 -5.21 -3.54 3.76
N ILE A 61 -4.16 -4.00 4.40
CA ILE A 61 -3.90 -3.77 5.83
C ILE A 61 -2.64 -2.94 5.95
N CYS A 62 -2.75 -1.85 6.71
CA CYS A 62 -1.65 -0.89 6.80
C CYS A 62 -1.68 -0.20 8.15
N SER A 63 -0.65 0.59 8.40
CA SER A 63 -0.58 1.42 9.62
C SER A 63 -1.29 2.75 9.39
N GLU A 64 -1.45 3.50 10.47
CA GLU A 64 -2.25 4.74 10.40
C GLU A 64 -1.57 5.82 9.56
N GLU A 65 -0.25 5.77 9.43
CA GLU A 65 0.42 6.84 8.69
C GLU A 65 0.71 6.44 7.24
N HIS A 66 0.36 5.23 6.83
CA HIS A 66 0.69 4.78 5.48
C HIS A 66 -0.15 5.55 4.45
N LEU A 67 0.48 6.09 3.44
CA LEU A 67 -0.17 6.96 2.45
C LEU A 67 -0.72 6.20 1.25
N PHE A 68 -1.80 6.77 0.73
CA PHE A 68 -2.41 6.34 -0.53
C PHE A 68 -2.69 7.55 -1.41
N PRO A 69 -2.50 7.44 -2.72
CA PRO A 69 -2.93 8.49 -3.63
C PRO A 69 -4.44 8.53 -3.66
N THR A 70 -4.99 9.74 -3.70
CA THR A 70 -6.43 9.99 -3.83
C THR A 70 -6.59 11.13 -4.82
N GLN A 71 -7.84 11.44 -5.14
CA GLN A 71 -8.11 12.59 -6.01
C GLN A 71 -7.69 13.92 -5.39
N THR A 72 -7.51 13.99 -4.07
CA THR A 72 -7.06 15.24 -3.45
C THR A 72 -5.58 15.23 -3.11
N GLY A 73 -4.85 14.20 -3.46
CA GLY A 73 -3.45 14.04 -3.06
C GLY A 73 -3.26 12.85 -2.14
N GLU A 74 -2.04 12.70 -1.67
CA GLU A 74 -1.72 11.58 -0.78
C GLU A 74 -2.44 11.77 0.56
N MET A 75 -3.00 10.70 1.08
CA MET A 75 -3.70 10.74 2.35
C MET A 75 -3.44 9.48 3.15
N ASN A 76 -3.47 9.60 4.47
CA ASN A 76 -3.37 8.47 5.37
C ASN A 76 -4.54 8.49 6.35
N ILE A 77 -4.72 7.40 7.06
CA ILE A 77 -5.81 7.31 8.05
C ILE A 77 -5.63 8.39 9.10
N SER A 78 -4.43 8.64 9.58
CA SER A 78 -4.23 9.67 10.63
C SER A 78 -4.64 11.04 10.10
N GLY A 79 -4.51 11.25 8.80
CA GLY A 79 -4.85 12.52 8.13
C GLY A 79 -6.24 12.58 7.56
N GLY A 80 -7.10 11.62 7.89
CA GLY A 80 -8.51 11.72 7.53
C GLY A 80 -8.97 10.83 6.40
N LEU A 81 -8.12 9.94 5.88
CA LEU A 81 -8.63 8.98 4.87
C LEU A 81 -9.77 8.19 5.50
N LYS A 82 -10.92 8.13 4.85
N LYS A 82 -10.92 8.13 4.85
CA LYS A 82 -12.11 7.53 5.48
C LYS A 82 -13.05 6.98 4.41
N GLU A 83 -13.98 6.23 4.95
CA GLU A 83 -15.06 5.65 4.15
CA GLU A 83 -15.10 5.66 4.20
C GLU A 83 -15.72 6.76 3.31
N GLY A 84 -16.01 6.41 2.08
CA GLY A 84 -16.67 7.29 1.12
C GLY A 84 -15.71 8.03 0.22
N MET A 85 -14.42 8.07 0.61
CA MET A 85 -13.37 8.54 -0.31
C MET A 85 -13.02 7.42 -1.25
N CYS A 86 -12.35 7.72 -2.35
CA CYS A 86 -11.99 6.73 -3.35
C CYS A 86 -10.48 6.54 -3.43
N LEU A 87 -10.10 5.29 -3.61
CA LEU A 87 -8.73 4.91 -3.98
C LEU A 87 -8.70 4.49 -5.44
N TYR A 88 -7.50 4.37 -5.98
CA TYR A 88 -7.31 3.85 -7.34
C TYR A 88 -6.99 2.38 -7.28
N VAL A 89 -7.60 1.61 -8.16
CA VAL A 89 -7.30 0.18 -8.31
C VAL A 89 -6.72 -0.04 -9.69
N LYS A 90 -6.13 -1.19 -9.89
CA LYS A 90 -5.48 -1.41 -11.19
C LYS A 90 -6.55 -1.37 -12.25
N GLU A 91 -6.40 -0.71 -13.40
CA GLU A 91 -5.52 0.38 -13.79
C GLU A 91 -6.26 1.73 -13.71
N MET A 92 -5.85 2.47 -12.72
CA MET A 92 -6.31 3.81 -12.34
C MET A 92 -7.83 3.93 -12.38
N MET A 93 -8.53 2.94 -11.86
CA MET A 93 -10.01 3.01 -11.72
C MET A 93 -10.38 3.47 -10.30
N LEU A 94 -11.24 4.45 -10.10
CA LEU A 94 -11.59 4.89 -8.75
C LEU A 94 -12.58 3.93 -8.13
N LYS A 95 -12.36 3.57 -6.88
CA LYS A 95 -13.26 2.70 -6.12
C LYS A 95 -13.44 3.26 -4.72
N LYS A 96 -14.69 3.30 -4.28
CA LYS A 96 -15.02 3.81 -2.94
C LYS A 96 -14.45 2.92 -1.85
N ILE A 97 -13.98 3.56 -0.80
CA ILE A 97 -13.71 2.89 0.49
C ILE A 97 -15.04 2.64 1.17
N LEU A 98 -15.34 1.37 1.42
CA LEU A 98 -16.55 1.00 2.17
C LEU A 98 -16.30 1.05 3.67
N LYS A 99 -15.13 0.60 4.12
CA LYS A 99 -14.86 0.42 5.55
C LYS A 99 -13.41 0.68 5.79
N ILE A 100 -13.13 1.24 6.94
CA ILE A 100 -11.78 1.21 7.54
C ILE A 100 -11.96 0.66 8.95
N GLU A 101 -11.32 -0.46 9.22
CA GLU A 101 -11.51 -1.25 10.46
C GLU A 101 -10.17 -1.30 11.21
N GLU A 102 -10.08 -0.75 12.42
CA GLU A 102 -8.87 -0.93 13.24
C GLU A 102 -8.80 -2.41 13.63
N LEU A 103 -7.62 -2.96 13.49
CA LEU A 103 -7.35 -4.36 13.85
C LEU A 103 -6.45 -4.32 15.08
N ASP A 104 -5.41 -5.08 15.05
CA ASP A 104 -4.51 -5.36 16.18
C ASP A 104 -3.12 -4.81 15.90
N GLU A 105 -2.27 -4.85 16.90
CA GLU A 105 -0.84 -4.60 16.70
C GLU A 105 -0.25 -5.81 16.00
N ARG A 106 0.55 -5.59 14.97
CA ARG A 106 1.21 -6.70 14.28
C ARG A 106 2.47 -6.18 13.60
N GLU A 107 3.30 -7.13 13.18
CA GLU A 107 4.49 -6.80 12.39
C GLU A 107 4.04 -6.31 11.01
N LEU A 108 4.68 -5.27 10.55
CA LEU A 108 4.41 -4.66 9.25
C LEU A 108 5.73 -4.35 8.56
N ILE A 109 5.66 -4.19 7.24
CA ILE A 109 6.93 -3.79 6.67
CA ILE A 109 6.78 -4.11 6.22
C ILE A 109 6.75 -2.67 5.66
N ASP A 110 7.90 -2.06 5.48
CA ASP A 110 8.00 -0.74 4.85
C ASP A 110 9.12 -0.79 3.83
N ILE A 111 8.84 -0.42 2.59
CA ILE A 111 9.83 -0.35 1.52
C ILE A 111 9.82 1.04 0.90
N GLU A 112 10.90 1.38 0.23
CA GLU A 112 11.01 2.59 -0.59
C GLU A 112 11.23 2.17 -2.03
N VAL A 113 10.49 2.77 -2.96
CA VAL A 113 10.65 2.48 -4.37
C VAL A 113 11.00 3.76 -5.12
N SER A 114 11.51 3.58 -6.33
CA SER A 114 11.94 4.69 -7.19
C SER A 114 10.75 5.37 -7.86
N GLY A 115 11.07 6.29 -8.76
CA GLY A 115 10.05 6.86 -9.62
C GLY A 115 9.05 7.67 -8.82
N ASN A 116 7.78 7.42 -9.10
CA ASN A 116 6.68 8.11 -8.41
C ASN A 116 6.42 7.59 -7.00
N HIS A 117 7.20 6.64 -6.53
CA HIS A 117 7.06 6.11 -5.15
C HIS A 117 5.76 5.35 -4.93
N LEU A 118 5.09 4.93 -5.99
CA LEU A 118 3.84 4.19 -5.87
C LEU A 118 4.03 2.73 -6.29
N PHE A 119 3.11 1.89 -5.88
CA PHE A 119 3.03 0.53 -6.39
C PHE A 119 1.63 0.00 -6.11
N TYR A 120 1.20 -0.96 -6.90
CA TYR A 120 -0.05 -1.66 -6.62
C TYR A 120 0.18 -2.72 -5.54
N ALA A 121 -0.68 -2.72 -4.55
CA ALA A 121 -0.62 -3.59 -3.36
C ALA A 121 -1.99 -4.23 -3.25
N ASN A 122 -2.08 -5.53 -3.44
CA ASN A 122 -3.42 -6.19 -3.58
C ASN A 122 -4.25 -5.47 -4.64
N ASP A 123 -3.62 -4.99 -5.70
CA ASP A 123 -4.30 -4.34 -6.83
C ASP A 123 -4.85 -2.96 -6.47
N ILE A 124 -4.45 -2.40 -5.32
CA ILE A 124 -4.80 -1.04 -4.90
C ILE A 124 -3.54 -0.19 -5.04
N LEU A 125 -3.66 0.97 -5.69
CA LEU A 125 -2.48 1.85 -5.82
C LEU A 125 -2.18 2.47 -4.46
N THR A 126 -0.95 2.28 -4.00
CA THR A 126 -0.53 2.80 -2.72
C THR A 126 0.81 3.52 -2.86
N HIS A 127 1.10 4.38 -1.89
CA HIS A 127 2.42 4.99 -1.80
C HIS A 127 3.33 4.04 -1.03
N ASN A 128 4.61 4.10 -1.29
CA ASN A 128 5.53 3.28 -0.52
C ASN A 128 5.40 3.59 0.96
CAC FLC B . -6.41 -10.12 12.84
CA FLC B . -6.97 -11.11 11.84
CB FLC B . -7.43 -10.46 10.52
CBC FLC B . -7.70 -11.61 9.52
CG FLC B . -8.72 -9.67 10.74
CGC FLC B . -9.30 -9.06 9.49
OA1 FLC B . -5.39 -10.46 13.42
OA2 FLC B . -6.97 -9.00 13.00
OB1 FLC B . -6.82 -11.83 8.64
OB2 FLC B . -8.78 -12.24 9.66
OG1 FLC B . -8.52 -8.91 8.52
OG2 FLC B . -10.47 -8.67 9.54
OHB FLC B . -6.40 -9.61 10.05
OH4 1PE C . -3.47 16.27 -8.97
C14 1PE C . -3.19 15.58 -6.66
C24 1PE C . -2.57 16.29 -7.85
OH5 1PE C . -4.06 14.52 -7.09
C15 1PE C . -4.28 12.30 -8.09
C25 1PE C . -3.33 13.39 -7.58
OH6 1PE C . -3.55 11.37 -8.89
C16 1PE C . -1.53 10.05 -8.85
C26 1PE C . -2.84 10.37 -8.14
OH7 1PE C . -0.43 10.39 -8.02
C1 PEG D . 12.05 -5.23 6.91
O1 PEG D . 13.38 -5.47 6.63
C2 PEG D . 11.24 -6.40 6.66
O2 PEG D . 11.02 -6.49 5.27
C3 PEG D . 11.53 -7.71 4.70
C4 PEG D . 12.82 -8.09 5.35
O4 PEG D . 13.97 -7.81 4.54
C1 PEG E . -9.04 -14.25 9.15
O1 PEG E . -8.47 -15.76 9.52
C2 PEG E . -8.84 -13.96 7.59
O2 PEG E . -8.73 -12.52 7.48
C3 PEG E . -8.44 -11.95 6.20
C4 PEG E . -9.61 -11.11 5.70
O4 PEG E . -9.74 -9.72 6.15
C1 PEG F . 0.31 -16.90 -1.05
O1 PEG F . 0.22 -18.17 -1.53
C2 PEG F . -0.76 -16.11 -1.57
O2 PEG F . -0.59 -14.74 -1.26
C3 PEG F . -1.00 -14.54 0.10
C4 PEG F . -0.93 -13.09 0.46
O4 PEG F . -2.11 -12.50 0.97
C1 PEG G . 15.75 -5.44 4.94
O1 PEG G . 15.43 -6.77 4.61
C2 PEG G . 15.18 -4.84 6.13
O2 PEG G . 15.37 -3.43 6.07
C3 PEG G . 16.29 -2.99 7.05
C4 PEG G . 16.87 -1.61 6.87
O4 PEG G . 17.86 -1.27 8.02
#